data_1TQE
#
_entry.id   1TQE
#
_cell.length_a   44.797
_cell.length_b   66.930
_cell.length_c   66.967
_cell.angle_alpha   76.67
_cell.angle_beta   71.83
_cell.angle_gamma   71.81
#
_symmetry.space_group_name_H-M   'P 1'
#
loop_
_entity.id
_entity.type
_entity.pdbx_description
1 polymer 'MEF2 binding site of nur77 promoter'
2 polymer 'MEF2 binding site of nur77 promoter'
3 polymer 'Myocyte-specific enhancer factor 2B'
4 polymer 'Histone deacetylase 9'
#
loop_
_entity_poly.entity_id
_entity_poly.type
_entity_poly.pdbx_seq_one_letter_code
_entity_poly.pdbx_strand_id
1 'polydeoxyribonucleotide' (DA)(DA)(DA)(DG)(DC)(DT)(DA)(DT)(DT)(DT)(DA)(DT)(DA)(DA)(DG)(DC)(DA) C,E
2 'polydeoxyribonucleotide' (DT)(DT)(DG)(DC)(DT)(DT)(DA)(DT)(DA)(DA)(DA)(DT)(DA)(DG)(DC)(DT)(DT) D,F
3 'polypeptide(L)'
;MGRKKIQISRILDQRNRQVTFTKRKFGLMKKAYELSVLCDCEIALIIFNSANRLFQYASTDMDRVLLKYTEYSEPHESRT
NTDILETLKRRGI
;
P,Q,R,S
4 'polypeptide(L)' SPKGTGASTEVKQKLQEFLLSKSATK X,Y
#
# COMPACT_ATOMS: atom_id res chain seq x y z
N GLY E 2 24.76 -26.00 -2.34
CA GLY E 2 24.64 -27.43 -2.71
C GLY E 2 25.80 -27.86 -3.57
N ARG E 3 26.15 -29.15 -3.53
CA ARG E 3 27.26 -29.71 -4.32
C ARG E 3 27.15 -29.50 -5.81
N LYS E 4 26.01 -29.00 -6.26
CA LYS E 4 25.81 -28.75 -7.68
C LYS E 4 24.69 -27.71 -7.83
N LYS E 5 24.80 -26.85 -8.85
CA LYS E 5 23.79 -25.82 -9.07
C LYS E 5 22.52 -26.43 -9.62
N ILE E 6 21.37 -25.99 -9.09
CA ILE E 6 20.09 -26.49 -9.54
C ILE E 6 19.15 -25.36 -9.97
N GLN E 7 18.53 -25.53 -11.13
CA GLN E 7 17.59 -24.53 -11.61
C GLN E 7 16.39 -24.60 -10.69
N ILE E 8 15.51 -23.62 -10.76
CA ILE E 8 14.33 -23.63 -9.91
C ILE E 8 13.10 -23.98 -10.75
N SER E 9 12.69 -25.23 -10.66
CA SER E 9 11.52 -25.73 -11.38
C SER E 9 11.10 -27.03 -10.70
N ARG E 10 9.79 -27.27 -10.65
CA ARG E 10 9.25 -28.46 -10.01
C ARG E 10 10.22 -29.65 -10.04
N ILE E 11 10.75 -30.02 -8.87
CA ILE E 11 11.65 -31.17 -8.78
C ILE E 11 10.82 -32.36 -9.21
N LEU E 12 11.30 -33.07 -10.23
CA LEU E 12 10.56 -34.20 -10.76
C LEU E 12 10.54 -35.45 -9.89
N ASP E 13 11.71 -36.00 -9.59
CA ASP E 13 11.80 -37.19 -8.76
C ASP E 13 11.09 -36.95 -7.44
N GLN E 14 9.92 -37.56 -7.28
CA GLN E 14 9.12 -37.40 -6.08
C GLN E 14 9.90 -37.70 -4.79
N ARG E 15 10.97 -38.48 -4.89
CA ARG E 15 11.77 -38.81 -3.72
C ARG E 15 12.52 -37.56 -3.30
N ASN E 16 13.29 -37.04 -4.26
CA ASN E 16 14.09 -35.84 -4.09
C ASN E 16 13.24 -34.59 -3.85
N ARG E 17 12.05 -34.55 -4.43
CA ARG E 17 11.18 -33.39 -4.24
C ARG E 17 10.56 -33.39 -2.85
N GLN E 18 10.77 -34.47 -2.10
CA GLN E 18 10.23 -34.58 -0.76
C GLN E 18 11.34 -34.37 0.27
N VAL E 19 12.55 -34.76 -0.09
CA VAL E 19 13.71 -34.59 0.78
C VAL E 19 13.98 -33.08 0.86
N THR E 20 13.90 -32.43 -0.31
CA THR E 20 14.15 -31.01 -0.44
C THR E 20 13.08 -30.15 0.24
N PHE E 21 11.81 -30.52 0.08
CA PHE E 21 10.76 -29.75 0.71
C PHE E 21 11.04 -29.65 2.19
N THR E 22 11.31 -30.79 2.82
CA THR E 22 11.58 -30.80 4.24
C THR E 22 12.81 -30.00 4.63
N LYS E 23 13.91 -30.21 3.92
CA LYS E 23 15.14 -29.48 4.22
C LYS E 23 14.91 -27.96 4.14
N ARG E 24 14.47 -27.49 2.98
CA ARG E 24 14.26 -26.08 2.80
C ARG E 24 13.21 -25.50 3.73
N LYS E 25 12.00 -26.05 3.70
CA LYS E 25 10.96 -25.54 4.58
C LYS E 25 11.56 -25.15 5.93
N PHE E 26 12.47 -25.98 6.44
CA PHE E 26 13.06 -25.67 7.72
C PHE E 26 13.90 -24.42 7.64
N GLY E 27 14.81 -24.41 6.67
CA GLY E 27 15.68 -23.25 6.49
C GLY E 27 14.86 -21.98 6.34
N LEU E 28 13.78 -22.06 5.57
CA LEU E 28 12.93 -20.91 5.37
C LEU E 28 12.50 -20.41 6.74
N MET E 29 11.84 -21.27 7.51
CA MET E 29 11.37 -20.91 8.84
C MET E 29 12.52 -20.42 9.68
N LYS E 30 13.69 -20.99 9.49
CA LYS E 30 14.85 -20.58 10.28
C LYS E 30 15.10 -19.11 10.02
N LYS E 31 15.21 -18.75 8.74
CA LYS E 31 15.44 -17.36 8.36
C LYS E 31 14.32 -16.47 8.85
N ALA E 32 13.07 -16.91 8.68
CA ALA E 32 11.95 -16.14 9.19
C ALA E 32 12.31 -15.83 10.63
N TYR E 33 12.40 -16.87 11.46
CA TYR E 33 12.77 -16.71 12.86
C TYR E 33 13.90 -15.71 13.05
N GLU E 34 14.97 -15.83 12.25
CA GLU E 34 16.07 -14.91 12.40
C GLU E 34 15.59 -13.48 12.13
N LEU E 35 15.07 -13.23 10.94
CA LEU E 35 14.57 -11.92 10.61
C LEU E 35 13.69 -11.41 11.75
N SER E 36 12.90 -12.31 12.31
CA SER E 36 12.01 -11.98 13.41
C SER E 36 12.74 -11.40 14.60
N VAL E 37 13.75 -12.13 15.09
CA VAL E 37 14.53 -11.66 16.24
C VAL E 37 15.46 -10.47 15.94
N LEU E 38 16.28 -10.62 14.91
CA LEU E 38 17.22 -9.59 14.49
C LEU E 38 16.54 -8.22 14.38
N CYS E 39 15.54 -8.12 13.52
CA CYS E 39 14.85 -6.84 13.30
C CYS E 39 13.59 -6.64 14.12
N ASP E 40 13.45 -7.42 15.18
CA ASP E 40 12.29 -7.31 16.06
C ASP E 40 10.98 -7.06 15.32
N CYS E 41 10.47 -8.07 14.63
CA CYS E 41 9.22 -7.93 13.91
C CYS E 41 8.47 -9.25 13.96
N GLU E 42 7.16 -9.19 13.78
CA GLU E 42 6.32 -10.37 13.83
C GLU E 42 6.15 -10.96 12.45
N ILE E 43 6.16 -12.28 12.34
CA ILE E 43 6.02 -12.92 11.03
C ILE E 43 5.18 -14.17 11.08
N ALA E 44 4.34 -14.37 10.08
CA ALA E 44 3.51 -15.54 9.96
C ALA E 44 3.96 -16.17 8.67
N LEU E 45 4.10 -17.49 8.65
CA LEU E 45 4.52 -18.17 7.44
C LEU E 45 3.56 -19.34 7.18
N ILE E 46 2.82 -19.32 6.09
CA ILE E 46 1.88 -20.38 5.77
C ILE E 46 2.27 -21.19 4.54
N ILE E 47 2.49 -22.51 4.71
CA ILE E 47 2.86 -23.37 3.60
C ILE E 47 1.81 -24.43 3.33
N PHE E 48 1.61 -24.79 2.07
CA PHE E 48 0.64 -25.80 1.66
C PHE E 48 1.31 -26.67 0.58
N ASN E 49 1.38 -27.98 0.78
CA ASN E 49 1.99 -28.85 -0.24
C ASN E 49 0.93 -29.41 -1.19
N SER E 50 1.37 -30.18 -2.18
CA SER E 50 0.43 -30.78 -3.13
C SER E 50 -0.73 -31.44 -2.40
N ALA E 51 -0.38 -32.32 -1.46
CA ALA E 51 -1.38 -33.03 -0.68
C ALA E 51 -2.16 -32.08 0.22
N ASN E 52 -2.00 -30.78 -0.01
CA ASN E 52 -2.69 -29.77 0.78
C ASN E 52 -2.41 -29.88 2.27
N ARG E 53 -1.30 -30.50 2.64
CA ARG E 53 -0.96 -30.62 4.05
C ARG E 53 -0.48 -29.23 4.50
N LEU E 54 -1.08 -28.70 5.56
CA LEU E 54 -0.71 -27.39 6.06
C LEU E 54 0.50 -27.40 6.96
N PHE E 55 1.38 -26.44 6.76
CA PHE E 55 2.58 -26.26 7.57
C PHE E 55 2.64 -24.77 7.87
N GLN E 56 3.02 -24.41 9.09
CA GLN E 56 3.07 -22.99 9.43
C GLN E 56 4.07 -22.66 10.47
N TYR E 57 4.30 -21.36 10.60
CA TYR E 57 5.24 -20.82 11.56
C TYR E 57 4.70 -19.48 12.02
N ALA E 58 5.15 -19.03 13.19
CA ALA E 58 4.72 -17.78 13.72
C ALA E 58 5.79 -17.37 14.68
N SER E 59 6.26 -16.14 14.58
CA SER E 59 7.28 -15.73 15.51
C SER E 59 6.72 -15.90 16.93
N THR E 60 5.44 -15.68 17.15
CA THR E 60 5.01 -15.90 18.52
C THR E 60 3.76 -16.72 18.55
N ASP E 61 2.75 -16.24 17.84
CA ASP E 61 1.52 -16.97 17.75
C ASP E 61 0.74 -16.55 16.52
N MET E 62 0.39 -17.54 15.72
CA MET E 62 -0.36 -17.32 14.50
C MET E 62 -1.61 -16.49 14.82
N ASP E 63 -2.12 -16.67 16.03
CA ASP E 63 -3.31 -15.95 16.46
C ASP E 63 -3.11 -14.45 16.36
N ARG E 64 -2.15 -13.96 17.12
CA ARG E 64 -1.83 -12.55 17.14
C ARG E 64 -1.70 -11.98 15.74
N VAL E 65 -0.75 -12.50 14.97
CA VAL E 65 -0.51 -11.99 13.62
C VAL E 65 -1.73 -11.96 12.72
N LEU E 66 -2.33 -13.11 12.48
CA LEU E 66 -3.49 -13.14 11.60
C LEU E 66 -4.54 -12.14 12.08
N LEU E 67 -4.67 -12.00 13.39
CA LEU E 67 -5.65 -11.10 13.97
C LEU E 67 -5.17 -9.66 13.72
N LYS E 68 -3.89 -9.45 13.97
CA LYS E 68 -3.24 -8.18 13.79
C LYS E 68 -3.20 -7.81 12.31
N TYR E 69 -3.55 -8.78 11.46
CA TYR E 69 -3.58 -8.59 10.02
C TYR E 69 -5.01 -8.25 9.62
N THR E 70 -5.91 -8.27 10.59
CA THR E 70 -7.31 -7.95 10.31
C THR E 70 -7.47 -6.45 10.36
N GLU E 71 -6.65 -5.80 11.20
CA GLU E 71 -6.68 -4.35 11.35
C GLU E 71 -5.92 -3.64 10.21
N TYR E 72 -4.59 -3.70 10.23
CA TYR E 72 -3.79 -3.04 9.19
C TYR E 72 -3.69 -3.93 7.96
N SER E 73 -4.76 -3.98 7.17
CA SER E 73 -4.79 -4.82 5.98
C SER E 73 -4.14 -4.20 4.73
N GLU E 74 -3.64 -2.97 4.85
CA GLU E 74 -3.03 -2.28 3.71
C GLU E 74 -1.55 -2.66 3.64
N PRO E 75 -1.18 -3.54 2.70
CA PRO E 75 0.18 -4.05 2.46
C PRO E 75 1.16 -3.09 1.82
N HIS E 76 2.02 -2.46 2.63
CA HIS E 76 2.99 -1.52 2.11
C HIS E 76 3.90 -2.18 1.09
N GLU E 77 3.74 -3.49 0.93
CA GLU E 77 4.50 -4.24 -0.05
C GLU E 77 3.94 -5.65 -0.16
N SER E 78 3.51 -6.01 -1.37
CA SER E 78 2.97 -7.32 -1.65
C SER E 78 3.74 -7.85 -2.84
N ARG E 79 3.95 -9.15 -2.91
CA ARG E 79 4.69 -9.70 -4.03
C ARG E 79 4.10 -11.03 -4.46
N THR E 80 4.21 -11.32 -5.75
CA THR E 80 3.67 -12.56 -6.31
C THR E 80 4.90 -13.34 -6.74
N ASN E 81 4.73 -14.60 -7.11
CA ASN E 81 5.88 -15.36 -7.56
C ASN E 81 6.60 -14.66 -8.70
N THR E 82 5.84 -13.93 -9.52
CA THR E 82 6.38 -13.24 -10.66
C THR E 82 7.24 -12.04 -10.30
N ASP E 83 6.74 -11.17 -9.42
CA ASP E 83 7.55 -10.01 -9.02
C ASP E 83 8.94 -10.52 -8.73
N ILE E 84 9.06 -11.43 -7.79
CA ILE E 84 10.34 -12.01 -7.42
C ILE E 84 11.05 -12.54 -8.68
N LEU E 85 10.44 -13.49 -9.38
CA LEU E 85 11.04 -14.02 -10.61
C LEU E 85 11.55 -12.85 -11.44
N GLU E 86 10.64 -11.89 -11.67
CA GLU E 86 10.89 -10.67 -12.45
C GLU E 86 12.06 -9.87 -11.88
N THR E 87 11.94 -9.45 -10.62
CA THR E 87 12.97 -8.64 -9.96
C THR E 87 14.30 -9.36 -9.91
N LEU E 88 14.28 -10.66 -10.18
CA LEU E 88 15.47 -11.49 -10.13
C LEU E 88 16.42 -11.19 -11.29
N LYS E 89 15.86 -10.97 -12.48
CA LYS E 89 16.66 -10.67 -13.68
C LYS E 89 16.92 -9.17 -13.76
N ARG E 90 15.85 -8.40 -13.71
CA ARG E 90 15.91 -6.94 -13.77
C ARG E 90 17.12 -6.37 -13.04
N ARG E 91 17.50 -7.03 -11.95
CA ARG E 91 18.65 -6.59 -11.17
C ARG E 91 19.70 -7.68 -11.20
N GLY F 2 28.06 -13.51 5.85
CA GLY F 2 28.46 -12.10 6.14
C GLY F 2 29.91 -12.06 6.55
N ARG F 3 30.55 -10.92 6.33
CA ARG F 3 31.97 -10.72 6.67
C ARG F 3 32.34 -11.00 8.12
N LYS F 4 31.33 -11.19 8.97
CA LYS F 4 31.58 -11.44 10.37
C LYS F 4 30.35 -12.13 10.95
N LYS F 5 30.56 -13.03 11.90
CA LYS F 5 29.44 -13.75 12.50
C LYS F 5 28.67 -12.86 13.44
N ILE F 6 27.33 -12.92 13.36
CA ILE F 6 26.47 -12.11 14.21
C ILE F 6 25.47 -12.96 15.00
N GLN F 7 25.37 -12.70 16.29
CA GLN F 7 24.42 -13.42 17.12
C GLN F 7 23.05 -12.98 16.68
N ILE F 8 22.01 -13.70 17.09
CA ILE F 8 20.67 -13.29 16.71
C ILE F 8 19.97 -12.66 17.91
N SER F 9 19.90 -11.34 17.90
CA SER F 9 19.24 -10.57 18.96
C SER F 9 19.00 -9.17 18.41
N ARG F 10 17.86 -8.58 18.77
CA ARG F 10 17.49 -7.24 18.33
C ARG F 10 18.70 -6.38 17.96
N ILE F 11 18.88 -6.11 16.67
CA ILE F 11 19.97 -5.26 16.24
C ILE F 11 19.72 -3.92 16.90
N LEU F 12 20.70 -3.40 17.64
CA LEU F 12 20.54 -2.13 18.35
C LEU F 12 20.58 -0.88 17.48
N ASP F 13 21.68 -0.68 16.75
CA ASP F 13 21.80 0.49 15.89
C ASP F 13 20.62 0.54 14.92
N GLN F 14 19.70 1.47 15.14
CA GLN F 14 18.52 1.60 14.30
C GLN F 14 18.86 1.75 12.82
N ARG F 15 20.06 2.19 12.51
CA ARG F 15 20.45 2.34 11.10
C ARG F 15 20.63 0.95 10.52
N ASN F 16 21.50 0.17 11.16
CA ASN F 16 21.83 -1.18 10.78
C ASN F 16 20.64 -2.13 10.91
N ARG F 17 19.76 -1.86 11.86
CA ARG F 17 18.59 -2.72 12.05
C ARG F 17 17.55 -2.47 10.96
N GLN F 18 17.78 -1.47 10.13
CA GLN F 18 16.85 -1.13 9.06
C GLN F 18 17.42 -1.57 7.72
N VAL F 19 18.75 -1.57 7.64
CA VAL F 19 19.44 -1.99 6.43
C VAL F 19 19.24 -3.48 6.32
N THR F 20 19.38 -4.16 7.47
CA THR F 20 19.25 -5.61 7.58
C THR F 20 17.83 -6.12 7.36
N PHE F 21 16.85 -5.41 7.93
CA PHE F 21 15.47 -5.82 7.73
C PHE F 21 15.16 -5.91 6.24
N THR F 22 15.52 -4.87 5.51
CA THR F 22 15.27 -4.84 4.07
C THR F 22 16.02 -5.93 3.33
N LYS F 23 17.31 -6.07 3.60
CA LYS F 23 18.08 -7.09 2.92
C LYS F 23 17.50 -8.48 3.14
N ARG F 24 17.36 -8.88 4.40
CA ARG F 24 16.85 -10.20 4.71
C ARG F 24 15.42 -10.41 4.25
N LYS F 25 14.50 -9.53 4.65
CA LYS F 25 13.12 -9.67 4.21
C LYS F 25 13.08 -10.15 2.77
N PHE F 26 13.92 -9.55 1.94
CA PHE F 26 13.95 -9.95 0.55
C PHE F 26 14.41 -11.40 0.40
N GLY F 27 15.55 -11.72 0.98
CA GLY F 27 16.05 -13.08 0.89
C GLY F 27 15.01 -14.10 1.37
N LEU F 28 14.32 -13.76 2.46
CA LEU F 28 13.31 -14.65 3.00
C LEU F 28 12.30 -14.89 1.90
N MET F 29 11.68 -13.84 1.39
CA MET F 29 10.71 -13.98 0.32
C MET F 29 11.30 -14.74 -0.87
N LYS F 30 12.59 -14.54 -1.10
CA LYS F 30 13.24 -15.20 -2.22
C LYS F 30 13.14 -16.70 -1.98
N LYS F 31 13.60 -17.15 -0.82
CA LYS F 31 13.53 -18.57 -0.51
C LYS F 31 12.11 -19.07 -0.55
N ALA F 32 11.18 -18.30 0.00
CA ALA F 32 9.79 -18.68 -0.02
C ALA F 32 9.53 -19.04 -1.46
N TYR F 33 9.62 -18.03 -2.32
CA TYR F 33 9.40 -18.21 -3.76
C TYR F 33 10.09 -19.49 -4.30
N GLU F 34 11.33 -19.70 -3.93
CA GLU F 34 12.02 -20.89 -4.40
C GLU F 34 11.28 -22.11 -3.91
N LEU F 35 11.15 -22.26 -2.60
CA LEU F 35 10.44 -23.40 -2.04
C LEU F 35 9.12 -23.59 -2.79
N SER F 36 8.45 -22.47 -3.07
CA SER F 36 7.19 -22.49 -3.78
C SER F 36 7.27 -23.22 -5.13
N VAL F 37 8.20 -22.79 -5.97
CA VAL F 37 8.37 -23.37 -7.30
C VAL F 37 9.01 -24.76 -7.26
N LEU F 38 10.14 -24.87 -6.57
CA LEU F 38 10.82 -26.15 -6.46
C LEU F 38 9.87 -27.28 -6.10
N CYS F 39 9.25 -27.17 -4.93
CA CYS F 39 8.35 -28.21 -4.42
C CYS F 39 6.87 -28.00 -4.76
N ASP F 40 6.58 -27.12 -5.71
CA ASP F 40 5.22 -26.87 -6.14
C ASP F 40 4.23 -26.82 -4.99
N CYS F 41 4.31 -25.74 -4.20
CA CYS F 41 3.41 -25.57 -3.08
C CYS F 41 3.07 -24.09 -2.92
N GLU F 42 1.93 -23.81 -2.29
CA GLU F 42 1.49 -22.44 -2.08
C GLU F 42 2.01 -21.90 -0.75
N ILE F 43 2.41 -20.64 -0.71
CA ILE F 43 2.94 -20.05 0.51
C ILE F 43 2.49 -18.62 0.68
N ALA F 44 2.20 -18.25 1.92
CA ALA F 44 1.81 -16.90 2.25
C ALA F 44 2.84 -16.49 3.28
N LEU F 45 3.35 -15.28 3.18
CA LEU F 45 4.32 -14.81 4.15
C LEU F 45 3.86 -13.44 4.65
N ILE F 46 3.62 -13.31 5.96
CA ILE F 46 3.16 -12.05 6.53
C ILE F 46 4.16 -11.43 7.50
N ILE F 47 4.65 -10.22 7.20
CA ILE F 47 5.60 -9.56 8.09
C ILE F 47 5.03 -8.24 8.63
N PHE F 48 5.39 -7.94 9.88
CA PHE F 48 4.98 -6.72 10.58
C PHE F 48 6.19 -6.16 11.32
N ASN F 49 6.56 -4.90 11.06
CA ASN F 49 7.71 -4.32 11.74
C ASN F 49 7.23 -3.53 12.96
N SER F 50 8.17 -2.97 13.71
CA SER F 50 7.84 -2.18 14.90
C SER F 50 6.75 -1.16 14.59
N ALA F 51 6.97 -0.37 13.55
CA ALA F 51 6.00 0.64 13.16
C ALA F 51 4.73 -0.01 12.63
N ASN F 52 4.59 -1.31 12.82
CA ASN F 52 3.40 -2.04 12.36
C ASN F 52 3.15 -1.92 10.87
N ARG F 53 4.19 -1.64 10.10
CA ARG F 53 4.03 -1.53 8.66
C ARG F 53 3.93 -2.97 8.14
N LEU F 54 2.88 -3.26 7.38
CA LEU F 54 2.68 -4.60 6.86
C LEU F 54 3.43 -4.89 5.58
N PHE F 55 4.07 -6.05 5.52
CA PHE F 55 4.78 -6.49 4.33
C PHE F 55 4.32 -7.92 4.11
N GLN F 56 4.14 -8.31 2.85
CA GLN F 56 3.68 -9.65 2.59
C GLN F 56 4.13 -10.22 1.26
N TYR F 57 3.91 -11.51 1.10
CA TYR F 57 4.27 -12.24 -0.10
C TYR F 57 3.25 -13.34 -0.26
N ALA F 58 3.14 -13.86 -1.47
CA ALA F 58 2.19 -14.91 -1.74
C ALA F 58 2.68 -15.54 -2.99
N SER F 59 2.76 -16.87 -3.02
CA SER F 59 3.25 -17.49 -4.25
C SER F 59 2.34 -17.07 -5.38
N THR F 60 1.05 -16.95 -5.14
CA THR F 60 0.22 -16.51 -6.24
C THR F 60 -0.72 -15.40 -5.88
N ASP F 61 -1.58 -15.70 -4.91
CA ASP F 61 -2.55 -14.75 -4.43
C ASP F 61 -2.68 -14.93 -2.93
N MET F 62 -2.55 -13.82 -2.22
CA MET F 62 -2.64 -13.82 -0.76
C MET F 62 -4.02 -14.15 -0.20
N ASP F 63 -5.08 -13.65 -0.84
CA ASP F 63 -6.41 -13.92 -0.33
C ASP F 63 -6.77 -15.37 -0.40
N ARG F 64 -6.35 -16.03 -1.47
CA ARG F 64 -6.65 -17.44 -1.63
C ARG F 64 -6.02 -18.24 -0.51
N VAL F 65 -4.71 -18.14 -0.34
CA VAL F 65 -4.02 -18.90 0.69
C VAL F 65 -4.59 -18.74 2.09
N LEU F 66 -4.89 -17.51 2.47
CA LEU F 66 -5.40 -17.28 3.81
C LEU F 66 -6.79 -17.86 3.98
N LEU F 67 -7.58 -17.81 2.92
CA LEU F 67 -8.91 -18.37 3.00
C LEU F 67 -8.76 -19.85 3.31
N LYS F 68 -8.21 -20.59 2.33
CA LYS F 68 -7.98 -22.03 2.46
C LYS F 68 -7.55 -22.31 3.88
N TYR F 69 -6.68 -21.45 4.38
CA TYR F 69 -6.18 -21.59 5.72
C TYR F 69 -7.29 -21.57 6.77
N THR F 70 -8.15 -20.54 6.72
CA THR F 70 -9.22 -20.40 7.69
C THR F 70 -10.02 -21.69 7.83
N GLU F 71 -10.46 -22.24 6.69
CA GLU F 71 -11.25 -23.46 6.71
C GLU F 71 -10.42 -24.72 6.84
N TYR F 72 -9.31 -24.63 7.53
CA TYR F 72 -8.46 -25.80 7.70
C TYR F 72 -8.43 -26.18 9.15
N SER F 73 -9.25 -27.16 9.53
CA SER F 73 -9.34 -27.59 10.92
C SER F 73 -8.52 -28.80 11.34
N GLU F 74 -8.10 -29.63 10.40
CA GLU F 74 -7.30 -30.80 10.75
C GLU F 74 -6.01 -30.35 11.40
N PRO F 75 -5.19 -31.28 11.91
CA PRO F 75 -3.92 -30.88 12.55
C PRO F 75 -2.80 -30.68 11.52
N HIS F 76 -1.70 -30.09 11.96
CA HIS F 76 -0.55 -29.84 11.08
C HIS F 76 0.64 -29.34 11.87
N GLU F 77 1.79 -29.25 11.19
CA GLU F 77 3.00 -28.75 11.84
C GLU F 77 2.82 -27.26 12.16
N SER F 78 3.15 -26.86 13.39
CA SER F 78 3.02 -25.45 13.78
C SER F 78 4.19 -25.14 14.68
N ARG F 79 5.11 -24.32 14.18
CA ARG F 79 6.31 -23.97 14.93
C ARG F 79 6.31 -22.51 15.37
N THR F 80 7.35 -22.14 16.12
CA THR F 80 7.52 -20.80 16.65
C THR F 80 9.02 -20.59 16.73
N ASN F 81 9.44 -19.42 17.21
CA ASN F 81 10.87 -19.16 17.36
C ASN F 81 11.34 -19.86 18.59
N THR F 82 10.45 -19.91 19.58
CA THR F 82 10.76 -20.58 20.83
C THR F 82 11.10 -22.01 20.44
N ASP F 83 10.21 -22.62 19.66
CA ASP F 83 10.44 -23.98 19.22
C ASP F 83 11.72 -24.05 18.38
N ILE F 84 11.71 -23.37 17.24
CA ILE F 84 12.86 -23.33 16.33
C ILE F 84 14.19 -23.14 17.06
N LEU F 85 14.20 -22.27 18.07
CA LEU F 85 15.45 -22.03 18.78
C LEU F 85 16.02 -23.35 19.30
N GLU F 86 15.17 -24.10 20.00
CA GLU F 86 15.55 -25.39 20.56
C GLU F 86 15.97 -26.38 19.47
N THR F 87 15.10 -26.63 18.50
CA THR F 87 15.45 -27.55 17.42
C THR F 87 16.85 -27.25 16.88
N LEU F 88 17.31 -26.02 17.10
CA LEU F 88 18.61 -25.60 16.62
C LEU F 88 19.68 -25.87 17.64
N LYS F 89 19.33 -25.68 18.90
CA LYS F 89 20.28 -25.94 19.98
C LYS F 89 20.81 -27.38 19.88
N ARG F 90 20.19 -28.20 19.03
CA ARG F 90 20.60 -29.59 18.88
C ARG F 90 21.67 -29.86 17.80
N ARG F 91 21.28 -29.89 16.54
CA ARG F 91 22.20 -30.17 15.43
C ARG F 91 23.49 -29.32 15.39
N SER G 1 11.37 -31.02 18.78
CA SER G 1 10.60 -31.00 17.49
C SER G 1 9.10 -31.08 17.74
N PRO G 2 8.48 -29.97 18.19
CA PRO G 2 7.03 -29.90 18.45
C PRO G 2 6.12 -29.53 17.30
N LYS G 3 5.11 -30.37 17.08
CA LYS G 3 4.09 -30.20 16.05
C LYS G 3 3.00 -29.43 16.80
N GLY G 4 1.73 -29.75 16.55
CA GLY G 4 0.67 -29.05 17.24
C GLY G 4 -0.66 -29.02 16.50
N THR G 5 -1.68 -28.46 17.15
CA THR G 5 -3.02 -28.39 16.58
C THR G 5 -3.12 -27.32 15.48
N GLY G 6 -4.32 -27.09 14.96
CA GLY G 6 -4.50 -26.05 13.96
C GLY G 6 -3.94 -24.80 14.60
N ALA G 7 -3.72 -23.73 13.85
CA ALA G 7 -3.16 -22.54 14.45
C ALA G 7 -4.07 -21.92 15.49
N SER G 8 -5.36 -21.79 15.17
CA SER G 8 -6.33 -21.22 16.11
C SER G 8 -7.67 -21.86 15.79
N THR G 9 -8.72 -21.51 16.52
CA THR G 9 -10.04 -22.05 16.19
C THR G 9 -11.03 -20.90 16.10
N GLU G 10 -10.77 -19.88 16.88
CA GLU G 10 -11.62 -18.69 16.91
C GLU G 10 -11.13 -17.66 15.90
N VAL G 11 -9.87 -17.24 16.06
CA VAL G 11 -9.24 -16.23 15.18
C VAL G 11 -9.47 -16.55 13.72
N LYS G 12 -9.34 -17.84 13.38
CA LYS G 12 -9.54 -18.29 12.02
C LYS G 12 -10.93 -17.82 11.58
N GLN G 13 -11.86 -17.88 12.51
CA GLN G 13 -13.23 -17.47 12.24
C GLN G 13 -13.30 -15.99 11.89
N LYS G 14 -12.69 -15.16 12.73
CA LYS G 14 -12.67 -13.73 12.51
C LYS G 14 -11.95 -13.39 11.21
N LEU G 15 -10.87 -14.10 10.93
CA LEU G 15 -10.09 -13.84 9.71
C LEU G 15 -10.90 -14.05 8.46
N GLN G 16 -11.78 -15.04 8.50
CA GLN G 16 -12.60 -15.34 7.35
C GLN G 16 -13.65 -14.31 6.99
N GLU G 17 -14.51 -13.96 7.95
CA GLU G 17 -15.55 -12.97 7.69
C GLU G 17 -14.94 -11.76 7.00
N PHE G 18 -13.70 -11.46 7.38
CA PHE G 18 -12.96 -10.34 6.83
C PHE G 18 -12.63 -10.58 5.37
N LEU G 19 -11.86 -11.64 5.13
CA LEU G 19 -11.44 -12.00 3.78
C LEU G 19 -12.59 -11.99 2.79
N LEU G 20 -13.73 -12.55 3.16
CA LEU G 20 -14.88 -12.62 2.28
C LEU G 20 -15.48 -11.25 1.99
N SER G 21 -15.78 -10.50 3.05
CA SER G 21 -16.35 -9.16 2.92
C SER G 21 -15.41 -8.24 2.12
N LYS G 22 -14.11 -8.53 2.19
CA LYS G 22 -13.10 -7.77 1.47
C LYS G 22 -13.41 -7.79 -0.02
N SER G 23 -14.61 -8.28 -0.33
CA SER G 23 -15.09 -8.37 -1.71
C SER G 23 -16.48 -7.71 -1.78
N GLY H 2 -8.64 22.86 -26.45
CA GLY H 2 -8.11 24.22 -26.79
C GLY H 2 -7.96 24.39 -28.29
N ARG H 3 -8.04 25.64 -28.77
CA ARG H 3 -7.90 25.95 -30.19
C ARG H 3 -6.59 25.49 -30.83
N LYS H 4 -5.67 25.02 -30.01
CA LYS H 4 -4.40 24.56 -30.52
C LYS H 4 -3.78 23.61 -29.48
N LYS H 5 -3.07 22.59 -29.95
CA LYS H 5 -2.45 21.64 -29.04
C LYS H 5 -1.24 22.25 -28.34
N ILE H 6 -1.13 22.03 -27.04
CA ILE H 6 -0.02 22.56 -26.26
C ILE H 6 0.72 21.47 -25.50
N GLN H 7 2.04 21.47 -25.59
CA GLN H 7 2.85 20.50 -24.88
C GLN H 7 2.70 20.82 -23.41
N ILE H 8 3.14 19.94 -22.54
CA ILE H 8 3.04 20.20 -21.12
C ILE H 8 4.42 20.49 -20.56
N SER H 9 4.69 21.78 -20.38
CA SER H 9 5.97 22.25 -19.83
C SER H 9 5.74 23.68 -19.35
N ARG H 10 6.40 24.04 -18.25
CA ARG H 10 6.27 25.37 -17.66
C ARG H 10 5.89 26.43 -18.70
N ILE H 11 4.67 26.96 -18.60
CA ILE H 11 4.23 28.02 -19.52
C ILE H 11 5.16 29.19 -19.23
N LEU H 12 5.84 29.67 -20.27
CA LEU H 12 6.78 30.76 -20.10
C LEU H 12 6.18 32.14 -19.85
N ASP H 13 5.36 32.61 -20.79
CA ASP H 13 4.72 33.92 -20.64
C ASP H 13 3.97 33.97 -19.31
N GLN H 14 4.50 34.71 -18.35
CA GLN H 14 3.88 34.81 -17.03
C GLN H 14 2.42 35.25 -17.08
N ARG H 15 2.02 35.92 -18.16
CA ARG H 15 0.64 36.37 -18.30
C ARG H 15 -0.22 35.15 -18.51
N ASN H 16 0.12 34.40 -19.56
CA ASN H 16 -0.56 33.19 -19.97
C ASN H 16 -0.43 32.07 -18.92
N ARG H 17 0.69 32.04 -18.19
CA ARG H 17 0.86 31.02 -17.18
C ARG H 17 0.02 31.31 -15.94
N GLN H 18 -0.61 32.47 -15.92
CA GLN H 18 -1.45 32.86 -14.79
C GLN H 18 -2.93 32.72 -15.17
N VAL H 19 -3.22 32.93 -16.45
CA VAL H 19 -4.59 32.81 -16.96
C VAL H 19 -4.94 31.32 -16.90
N THR H 20 -3.98 30.50 -17.31
CA THR H 20 -4.12 29.05 -17.35
C THR H 20 -4.24 28.42 -15.96
N PHE H 21 -3.39 28.85 -15.04
CA PHE H 21 -3.45 28.31 -13.70
C PHE H 21 -4.85 28.44 -13.16
N THR H 22 -5.40 29.63 -13.27
CA THR H 22 -6.75 29.87 -12.77
C THR H 22 -7.81 29.03 -13.48
N LYS H 23 -7.77 29.03 -14.80
CA LYS H 23 -8.74 28.25 -15.57
C LYS H 23 -8.70 26.77 -15.18
N ARG H 24 -7.53 26.16 -15.32
CA ARG H 24 -7.41 24.75 -14.98
C ARG H 24 -7.70 24.44 -13.53
N LYS H 25 -6.98 25.08 -12.62
CA LYS H 25 -7.22 24.82 -11.21
C LYS H 25 -8.72 24.61 -10.97
N PHE H 26 -9.54 25.42 -11.63
CA PHE H 26 -10.97 25.30 -11.42
C PHE H 26 -11.46 23.98 -11.95
N GLY H 27 -11.13 23.72 -13.21
CA GLY H 27 -11.55 22.47 -13.85
C GLY H 27 -11.11 21.28 -13.02
N LEU H 28 -9.88 21.31 -12.53
CA LEU H 28 -9.39 20.24 -11.72
C LEU H 28 -10.36 20.01 -10.58
N MET H 29 -10.57 21.03 -9.76
CA MET H 29 -11.48 20.95 -8.62
C MET H 29 -12.87 20.51 -9.09
N LYS H 30 -13.26 20.93 -10.28
CA LYS H 30 -14.57 20.56 -10.78
C LYS H 30 -14.63 19.05 -10.89
N LYS H 31 -13.64 18.48 -11.56
CA LYS H 31 -13.56 17.02 -11.72
C LYS H 31 -13.49 16.34 -10.36
N ALA H 32 -12.65 16.87 -9.49
CA ALA H 32 -12.55 16.31 -8.15
C ALA H 32 -13.99 16.20 -7.66
N TYR H 33 -14.64 17.35 -7.51
CA TYR H 33 -16.03 17.39 -7.08
C TYR H 33 -16.89 16.33 -7.77
N GLU H 34 -16.77 16.21 -9.09
CA GLU H 34 -17.58 15.24 -9.80
C GLU H 34 -17.24 13.83 -9.29
N LEU H 35 -15.98 13.45 -9.41
CA LEU H 35 -15.56 12.15 -8.94
C LEU H 35 -16.10 11.91 -7.53
N SER H 36 -16.08 12.96 -6.73
CA SER H 36 -16.57 12.91 -5.35
C SER H 36 -18.02 12.48 -5.28
N VAL H 37 -18.89 13.18 -6.00
CA VAL H 37 -20.31 12.85 -6.01
C VAL H 37 -20.66 11.55 -6.76
N LEU H 38 -20.20 11.44 -8.00
CA LEU H 38 -20.42 10.27 -8.83
C LEU H 38 -20.13 8.97 -8.11
N CYS H 39 -18.89 8.81 -7.67
CA CYS H 39 -18.47 7.59 -6.98
C CYS H 39 -18.52 7.63 -5.46
N ASP H 40 -19.26 8.60 -4.92
CA ASP H 40 -19.40 8.75 -3.48
C ASP H 40 -18.11 8.49 -2.70
N CYS H 41 -17.16 9.41 -2.81
CA CYS H 41 -15.89 9.28 -2.09
C CYS H 41 -15.41 10.64 -1.65
N GLU H 42 -14.58 10.66 -0.62
CA GLU H 42 -14.07 11.92 -0.08
C GLU H 42 -12.76 12.27 -0.75
N ILE H 43 -12.55 13.55 -1.03
CA ILE H 43 -11.31 13.97 -1.67
C ILE H 43 -10.78 15.28 -1.14
N ALA H 44 -9.47 15.37 -0.99
CA ALA H 44 -8.83 16.58 -0.54
C ALA H 44 -7.91 16.93 -1.68
N LEU H 45 -7.83 18.21 -2.02
CA LEU H 45 -6.96 18.64 -3.10
C LEU H 45 -6.14 19.83 -2.62
N ILE H 46 -4.83 19.69 -2.54
CA ILE H 46 -3.96 20.77 -2.08
C ILE H 46 -3.02 21.33 -3.16
N ILE H 47 -3.17 22.62 -3.48
CA ILE H 47 -2.33 23.25 -4.50
C ILE H 47 -1.45 24.34 -3.91
N PHE H 48 -0.26 24.48 -4.46
CA PHE H 48 0.71 25.50 -4.03
C PHE H 48 1.35 26.10 -5.27
N ASN H 49 1.27 27.43 -5.45
CA ASN H 49 1.89 28.05 -6.62
C ASN H 49 3.31 28.54 -6.30
N SER H 50 3.99 29.08 -7.30
CA SER H 50 5.35 29.59 -7.09
C SER H 50 5.40 30.48 -5.86
N ALA H 51 4.52 31.48 -5.82
CA ALA H 51 4.46 32.39 -4.69
C ALA H 51 4.02 31.67 -3.43
N ASN H 52 3.98 30.34 -3.47
CA ASN H 52 3.59 29.55 -2.31
C ASN H 52 2.20 29.88 -1.79
N ARG H 53 1.36 30.44 -2.65
CA ARG H 53 0.00 30.78 -2.24
C ARG H 53 -0.76 29.44 -2.19
N LEU H 54 -1.41 29.18 -1.07
CA LEU H 54 -2.14 27.92 -0.90
C LEU H 54 -3.55 27.98 -1.45
N PHE H 55 -3.93 26.92 -2.16
CA PHE H 55 -5.28 26.78 -2.72
C PHE H 55 -5.69 25.36 -2.38
N GLN H 56 -6.95 25.19 -2.01
CA GLN H 56 -7.40 23.87 -1.64
C GLN H 56 -8.85 23.61 -1.90
N TYR H 57 -9.21 22.34 -1.83
CA TYR H 57 -10.58 21.88 -2.05
C TYR H 57 -10.80 20.68 -1.14
N ALA H 58 -12.06 20.40 -0.86
CA ALA H 58 -12.41 19.29 0.00
C ALA H 58 -13.82 18.97 -0.35
N SER H 59 -14.10 17.70 -0.58
CA SER H 59 -15.46 17.36 -0.91
C SER H 59 -16.35 17.83 0.25
N THR H 60 -15.88 17.76 1.48
CA THR H 60 -16.78 18.25 2.50
C THR H 60 -16.07 19.16 3.44
N ASP H 61 -15.01 18.64 4.03
CA ASP H 61 -14.23 19.45 4.92
C ASP H 61 -12.81 18.93 5.03
N MET H 62 -11.85 19.82 4.83
CA MET H 62 -10.45 19.45 4.89
C MET H 62 -10.16 18.75 6.22
N ASP H 63 -10.79 19.22 7.29
CA ASP H 63 -10.59 18.65 8.62
C ASP H 63 -10.81 17.16 8.61
N ARG H 64 -12.02 16.78 8.23
CA ARG H 64 -12.42 15.39 8.18
C ARG H 64 -11.37 14.53 7.50
N VAL H 65 -11.08 14.85 6.24
CA VAL H 65 -10.11 14.12 5.45
C VAL H 65 -8.69 14.10 5.99
N LEU H 66 -8.09 15.26 6.17
CA LEU H 66 -6.73 15.32 6.70
C LEU H 66 -6.65 14.42 7.92
N LEU H 67 -7.72 14.43 8.71
CA LEU H 67 -7.79 13.62 9.93
C LEU H 67 -7.89 12.13 9.58
N LYS H 68 -8.81 11.77 8.69
CA LYS H 68 -8.96 10.38 8.32
C LYS H 68 -7.70 9.85 7.68
N TYR H 69 -6.81 10.77 7.31
CA TYR H 69 -5.56 10.39 6.67
C TYR H 69 -4.50 10.02 7.72
N THR H 70 -4.76 10.33 8.99
CA THR H 70 -3.80 9.97 10.04
C THR H 70 -3.88 8.47 10.35
N GLU H 71 -5.08 7.89 10.25
CA GLU H 71 -5.22 6.45 10.50
C GLU H 71 -4.72 5.70 9.27
N TYR H 72 -5.66 5.39 8.37
CA TYR H 72 -5.34 4.69 7.15
C TYR H 72 -4.33 5.57 6.40
N SER H 73 -3.05 5.37 6.68
CA SER H 73 -2.01 6.17 6.05
C SER H 73 -1.26 5.42 4.92
N GLU H 74 -1.65 4.18 4.65
CA GLU H 74 -1.01 3.39 3.61
C GLU H 74 -1.83 3.50 2.34
N PRO H 75 -1.29 4.16 1.31
CA PRO H 75 -1.95 4.38 0.02
C PRO H 75 -1.96 3.17 -0.92
N HIS H 76 -3.15 2.65 -1.22
CA HIS H 76 -3.27 1.50 -2.12
C HIS H 76 -3.00 1.94 -3.55
N GLU H 77 -2.48 3.14 -3.65
CA GLU H 77 -2.09 3.76 -4.91
C GLU H 77 -1.43 5.05 -4.45
N SER H 78 -0.25 5.35 -4.97
CA SER H 78 0.46 6.52 -4.51
C SER H 78 1.27 7.20 -5.60
N ARG H 79 0.74 7.23 -6.82
CA ARG H 79 1.42 7.86 -7.97
C ARG H 79 2.18 9.18 -7.70
N THR H 80 3.27 9.38 -8.44
CA THR H 80 4.13 10.57 -8.33
C THR H 80 4.09 11.20 -9.72
N ASN H 81 4.72 12.35 -9.91
CA ASN H 81 4.71 12.98 -11.23
C ASN H 81 5.20 12.07 -12.31
N THR H 82 6.16 11.21 -11.97
CA THR H 82 6.73 10.30 -12.94
C THR H 82 5.82 9.13 -13.27
N ASP H 83 5.24 8.52 -12.26
CA ASP H 83 4.36 7.40 -12.53
C ASP H 83 3.25 7.81 -13.49
N ILE H 84 3.10 9.12 -13.69
CA ILE H 84 2.08 9.66 -14.59
C ILE H 84 2.73 9.86 -15.96
N LEU H 85 3.78 10.67 -16.03
CA LEU H 85 4.50 10.88 -17.28
C LEU H 85 4.79 9.49 -17.84
N GLU H 86 5.36 8.64 -16.98
CA GLU H 86 5.70 7.26 -17.31
C GLU H 86 4.52 6.53 -17.95
N THR H 87 3.43 6.40 -17.20
CA THR H 87 2.24 5.71 -17.69
C THR H 87 1.63 6.30 -18.96
N LEU H 88 1.88 7.59 -19.18
CA LEU H 88 1.33 8.28 -20.35
C LEU H 88 1.96 7.84 -21.67
N LYS H 89 3.28 7.71 -21.67
CA LYS H 89 4.01 7.29 -22.87
C LYS H 89 3.94 5.77 -22.96
N ARG H 90 3.98 5.10 -21.82
CA ARG H 90 3.90 3.64 -21.77
C ARG H 90 2.64 3.14 -22.49
N ARG H 91 1.57 3.93 -22.45
CA ARG H 91 0.32 3.54 -23.10
C ARG H 91 0.42 3.69 -24.62
N GLY I 2 -18.42 11.64 -23.02
CA GLY I 2 -19.04 10.29 -22.97
C GLY I 2 -20.14 10.17 -23.99
N ARG I 3 -20.40 8.95 -24.45
CA ARG I 3 -21.45 8.69 -25.45
C ARG I 3 -22.84 9.16 -25.07
N LYS I 4 -23.01 9.59 -23.82
CA LYS I 4 -24.30 10.04 -23.37
C LYS I 4 -24.08 10.93 -22.15
N LYS I 5 -24.91 11.95 -21.99
CA LYS I 5 -24.77 12.86 -20.86
C LYS I 5 -25.24 12.22 -19.56
N ILE I 6 -24.46 12.39 -18.51
CA ILE I 6 -24.80 11.83 -17.20
C ILE I 6 -24.86 12.88 -16.11
N GLN I 7 -25.92 12.84 -15.32
CA GLN I 7 -26.08 13.78 -14.21
C GLN I 7 -25.02 13.40 -13.20
N ILE I 8 -24.75 14.26 -12.24
CA ILE I 8 -23.77 13.93 -11.22
C ILE I 8 -24.47 13.57 -9.92
N SER I 9 -24.56 12.27 -9.65
CA SER I 9 -25.17 11.76 -8.43
C SER I 9 -24.72 10.32 -8.26
N ARG I 10 -24.49 9.91 -7.02
CA ARG I 10 -24.04 8.55 -6.71
C ARG I 10 -24.45 7.53 -7.79
N ILE I 11 -23.48 7.03 -8.55
CA ILE I 11 -23.75 6.03 -9.56
C ILE I 11 -24.31 4.83 -8.79
N LEU I 12 -25.51 4.37 -9.15
CA LEU I 12 -26.13 3.26 -8.44
C LEU I 12 -25.54 1.87 -8.71
N ASP I 13 -25.53 1.45 -9.97
CA ASP I 13 -24.98 0.15 -10.32
C ASP I 13 -23.53 0.05 -9.81
N GLN I 14 -23.33 -0.73 -8.76
CA GLN I 14 -22.01 -0.89 -8.17
C GLN I 14 -20.94 -1.32 -9.18
N ARG I 15 -21.34 -1.92 -10.29
CA ARG I 15 -20.37 -2.34 -11.30
C ARG I 15 -19.85 -1.08 -11.97
N ASN I 16 -20.77 -0.30 -12.51
CA ASN I 16 -20.49 0.94 -13.22
C ASN I 16 -19.89 2.00 -12.29
N ARG I 17 -20.27 1.98 -11.02
CA ARG I 17 -19.73 2.96 -10.08
C ARG I 17 -18.29 2.63 -9.73
N GLN I 18 -17.81 1.49 -10.17
CA GLN I 18 -16.44 1.07 -9.87
C GLN I 18 -15.58 1.23 -11.10
N VAL I 19 -16.20 1.08 -12.26
CA VAL I 19 -15.49 1.23 -13.53
C VAL I 19 -15.16 2.70 -13.65
N THR I 20 -16.15 3.54 -13.31
CA THR I 20 -16.04 4.99 -13.38
C THR I 20 -15.05 5.57 -12.38
N PHE I 21 -15.09 5.09 -11.14
CA PHE I 21 -14.14 5.58 -10.15
C PHE I 21 -12.71 5.43 -10.65
N THR I 22 -12.38 4.26 -11.15
CA THR I 22 -11.04 4.02 -11.66
C THR I 22 -10.70 4.91 -12.85
N LYS I 23 -11.59 4.96 -13.83
CA LYS I 23 -11.34 5.78 -14.99
C LYS I 23 -11.08 7.24 -14.62
N ARG I 24 -12.04 7.86 -13.95
CA ARG I 24 -11.90 9.24 -13.56
C ARG I 24 -10.74 9.50 -12.62
N LYS I 25 -10.69 8.80 -11.49
CA LYS I 25 -9.58 8.99 -10.57
C LYS I 25 -8.29 9.22 -11.36
N PHE I 26 -8.08 8.42 -12.39
CA PHE I 26 -6.88 8.58 -13.18
C PHE I 26 -6.86 9.93 -13.89
N GLY I 27 -7.92 10.22 -14.61
CA GLY I 27 -7.99 11.51 -15.30
C GLY I 27 -7.75 12.68 -14.35
N LEU I 28 -8.34 12.60 -13.16
CA LEU I 28 -8.18 13.64 -12.17
C LEU I 28 -6.71 13.80 -11.92
N MET I 29 -6.05 12.72 -11.49
CA MET I 29 -4.61 12.79 -11.22
C MET I 29 -3.86 13.29 -12.45
N LYS I 30 -4.33 12.91 -13.63
CA LYS I 30 -3.67 13.34 -14.84
C LYS I 30 -3.68 14.84 -14.88
N LYS I 31 -4.86 15.44 -14.78
CA LYS I 31 -4.96 16.89 -14.79
C LYS I 31 -4.13 17.51 -13.70
N ALA I 32 -4.18 16.94 -12.50
CA ALA I 32 -3.40 17.45 -11.39
C ALA I 32 -2.01 17.56 -11.96
N TYR I 33 -1.42 16.41 -12.29
CA TYR I 33 -0.08 16.38 -12.87
C TYR I 33 0.14 17.49 -13.94
N GLU I 34 -0.81 17.64 -14.84
CA GLU I 34 -0.66 18.66 -15.85
C GLU I 34 -0.56 20.01 -15.18
N LEU I 35 -1.59 20.38 -14.43
CA LEU I 35 -1.59 21.67 -13.75
C LEU I 35 -0.24 21.87 -13.02
N SER I 36 0.24 20.79 -12.42
CA SER I 36 1.51 20.79 -11.71
C SER I 36 2.68 21.26 -12.58
N VAL I 37 2.86 20.62 -13.72
CA VAL I 37 3.95 20.95 -14.64
C VAL I 37 3.72 22.27 -15.39
N LEU I 38 2.56 22.39 -16.02
CA LEU I 38 2.21 23.60 -16.76
C LEU I 38 2.51 24.86 -15.96
N CYS I 39 1.83 24.99 -14.82
CA CYS I 39 1.97 26.18 -13.98
C CYS I 39 3.02 26.06 -12.86
N ASP I 40 3.90 25.07 -12.97
CA ASP I 40 4.95 24.89 -11.98
C ASP I 40 4.47 25.11 -10.54
N CYS I 41 3.68 24.18 -10.04
CA CYS I 41 3.18 24.28 -8.67
C CYS I 41 3.08 22.89 -8.07
N GLU I 42 3.13 22.81 -6.74
CA GLU I 42 3.06 21.54 -6.04
C GLU I 42 1.61 21.20 -5.71
N ILE I 43 1.24 19.92 -5.83
CA ILE I 43 -0.12 19.50 -5.54
C ILE I 43 -0.18 18.16 -4.85
N ALA I 44 -1.08 18.04 -3.89
CA ALA I 44 -1.30 16.80 -3.17
C ALA I 44 -2.75 16.47 -3.46
N LEU I 45 -3.04 15.22 -3.73
CA LEU I 45 -4.41 14.84 -4.00
C LEU I 45 -4.74 13.62 -3.12
N ILE I 46 -5.71 13.75 -2.24
CA ILE I 46 -6.08 12.64 -1.37
C ILE I 46 -7.49 12.09 -1.62
N ILE I 47 -7.60 10.81 -1.98
CA ILE I 47 -8.91 10.23 -2.23
C ILE I 47 -9.21 9.08 -1.25
N PHE I 48 -10.48 8.94 -0.89
CA PHE I 48 -10.97 7.90 0.03
C PHE I 48 -12.28 7.36 -0.53
N ASN I 49 -12.36 6.05 -0.77
CA ASN I 49 -13.60 5.47 -1.29
C ASN I 49 -14.46 4.96 -0.15
N SER I 50 -15.65 4.44 -0.46
CA SER I 50 -16.55 3.90 0.56
C SER I 50 -15.80 2.95 1.49
N ALA I 51 -15.12 1.98 0.91
CA ALA I 51 -14.38 1.01 1.69
C ALA I 51 -13.19 1.67 2.39
N ASN I 52 -13.17 3.00 2.39
CA ASN I 52 -12.08 3.74 3.04
C ASN I 52 -10.70 3.41 2.51
N ARG I 53 -10.64 2.90 1.29
CA ARG I 53 -9.34 2.58 0.71
C ARG I 53 -8.71 3.92 0.30
N LEU I 54 -7.48 4.15 0.75
CA LEU I 54 -6.81 5.40 0.44
C LEU I 54 -6.09 5.40 -0.90
N PHE I 55 -6.25 6.49 -1.65
CA PHE I 55 -5.59 6.65 -2.93
C PHE I 55 -5.03 8.06 -2.89
N GLN I 56 -3.84 8.25 -3.45
CA GLN I 56 -3.25 9.57 -3.40
C GLN I 56 -2.30 9.86 -4.54
N TYR I 57 -1.96 11.13 -4.65
CA TYR I 57 -1.06 11.60 -5.68
C TYR I 57 -0.27 12.76 -5.09
N ALA I 58 0.87 13.05 -5.71
CA ALA I 58 1.68 14.13 -5.22
C ALA I 58 2.54 14.51 -6.36
N SER I 59 2.65 15.79 -6.68
CA SER I 59 3.50 16.15 -7.82
C SER I 59 4.91 15.65 -7.56
N THR I 60 5.37 15.70 -6.33
CA THR I 60 6.70 15.16 -6.09
C THR I 60 6.77 14.22 -4.89
N ASP I 61 6.46 14.76 -3.72
CA ASP I 61 6.48 13.99 -2.49
C ASP I 61 5.23 14.38 -1.73
N MET I 62 4.51 13.37 -1.26
CA MET I 62 3.26 13.57 -0.53
C MET I 62 3.40 14.11 0.89
N ASP I 63 4.61 14.10 1.44
CA ASP I 63 4.79 14.60 2.80
C ASP I 63 5.17 16.05 2.76
N ARG I 64 6.23 16.36 2.03
CA ARG I 64 6.67 17.73 1.89
C ARG I 64 5.45 18.63 1.68
N VAL I 65 4.53 18.19 0.83
CA VAL I 65 3.36 18.99 0.57
C VAL I 65 2.51 19.13 1.80
N LEU I 66 2.11 17.99 2.34
CA LEU I 66 1.26 17.98 3.51
C LEU I 66 1.88 18.73 4.67
N LEU I 67 3.18 18.64 4.85
CA LEU I 67 3.80 19.35 5.95
C LEU I 67 3.56 20.84 5.74
N LYS I 68 4.22 21.39 4.72
CA LYS I 68 4.10 22.79 4.36
C LYS I 68 2.67 23.26 4.58
N TYR I 69 1.74 22.33 4.40
CA TYR I 69 0.36 22.66 4.58
C TYR I 69 0.06 22.97 6.06
N THR I 70 0.43 22.02 6.93
CA THR I 70 0.17 22.16 8.37
C THR I 70 0.57 23.51 8.93
N GLU I 71 1.61 24.10 8.37
CA GLU I 71 2.07 25.40 8.83
C GLU I 71 1.71 26.46 7.82
N TYR I 72 0.42 26.68 7.65
CA TYR I 72 0.00 27.70 6.72
C TYR I 72 -1.25 28.39 7.23
N SER I 73 -1.02 29.44 8.02
CA SER I 73 -2.06 30.20 8.66
C SER I 73 -2.79 31.26 7.83
N GLU I 74 -2.06 32.02 7.03
CA GLU I 74 -2.67 33.06 6.20
C GLU I 74 -3.89 32.53 5.48
N PRO I 75 -4.99 33.30 5.46
CA PRO I 75 -6.16 32.77 4.75
C PRO I 75 -5.82 32.39 3.30
N HIS I 76 -6.72 31.68 2.62
CA HIS I 76 -6.51 31.28 1.24
C HIS I 76 -7.78 30.74 0.62
N GLU I 77 -7.73 30.45 -0.68
CA GLU I 77 -8.91 29.92 -1.36
C GLU I 77 -9.19 28.54 -0.82
N SER I 78 -10.46 28.29 -0.51
CA SER I 78 -10.89 26.99 0.01
C SER I 78 -12.28 26.71 -0.49
N ARG I 79 -12.37 25.86 -1.51
CA ARG I 79 -13.65 25.49 -2.10
C ARG I 79 -14.16 24.15 -1.53
N THR I 80 -15.34 23.75 -1.99
CA THR I 80 -16.00 22.52 -1.56
C THR I 80 -16.95 22.13 -2.68
N ASN I 81 -17.53 20.93 -2.61
CA ASN I 81 -18.49 20.51 -3.63
C ASN I 81 -19.72 21.33 -3.46
N THR I 82 -19.97 21.71 -2.22
CA THR I 82 -21.13 22.54 -1.89
C THR I 82 -20.90 23.91 -2.53
N ASP I 83 -19.64 24.29 -2.64
CA ASP I 83 -19.27 25.55 -3.24
C ASP I 83 -19.34 25.44 -4.75
N ILE I 84 -18.57 24.51 -5.31
CA ILE I 84 -18.50 24.28 -6.75
C ILE I 84 -19.89 24.09 -7.38
N LEU I 85 -20.78 23.46 -6.64
CA LEU I 85 -22.11 23.20 -7.16
C LEU I 85 -22.80 24.48 -7.59
N GLU I 86 -22.61 25.54 -6.81
CA GLU I 86 -23.21 26.84 -7.09
C GLU I 86 -22.42 27.65 -8.12
N THR I 87 -21.12 27.78 -7.92
CA THR I 87 -20.29 28.51 -8.89
C THR I 87 -20.56 27.99 -10.30
N LEU I 88 -21.33 26.92 -10.40
CA LEU I 88 -21.64 26.32 -11.68
C LEU I 88 -23.09 26.46 -12.10
N LYS I 89 -23.96 26.64 -11.12
CA LYS I 89 -25.36 26.83 -11.44
C LYS I 89 -25.50 28.06 -12.37
N ARG I 90 -24.55 28.99 -12.24
CA ARG I 90 -24.53 30.22 -13.03
C ARG I 90 -24.12 30.15 -14.51
N ARG I 91 -22.81 29.99 -14.74
CA ARG I 91 -22.19 29.94 -16.09
C ARG I 91 -22.90 29.14 -17.21
N SER J 1 -17.98 33.21 -4.25
CA SER J 1 -16.68 32.55 -3.91
C SER J 1 -16.50 32.41 -2.40
N PRO J 2 -15.88 31.31 -1.95
CA PRO J 2 -15.62 31.03 -0.54
C PRO J 2 -14.14 31.28 -0.26
N LYS J 3 -13.82 31.71 0.96
CA LYS J 3 -12.43 32.02 1.29
C LYS J 3 -12.16 31.85 2.78
N GLY J 4 -12.10 30.59 3.22
CA GLY J 4 -11.88 30.30 4.62
C GLY J 4 -10.53 30.60 5.23
N THR J 5 -10.56 30.84 6.54
CA THR J 5 -9.39 31.14 7.34
C THR J 5 -8.52 29.87 7.36
N GLY J 6 -7.49 29.82 6.51
CA GLY J 6 -6.69 28.61 6.48
C GLY J 6 -7.71 27.54 6.11
N ALA J 7 -7.63 26.37 6.73
CA ALA J 7 -8.59 25.31 6.42
C ALA J 7 -8.98 24.57 7.68
N SER J 8 -8.16 24.74 8.71
CA SER J 8 -8.37 24.09 10.00
C SER J 8 -7.22 24.57 10.88
N THR J 9 -7.42 24.70 12.19
CA THR J 9 -6.34 25.21 13.04
C THR J 9 -5.84 24.17 14.02
N GLU J 10 -6.74 23.27 14.37
CA GLU J 10 -6.44 22.20 15.31
C GLU J 10 -5.93 20.98 14.56
N VAL J 11 -6.77 20.46 13.64
CA VAL J 11 -6.45 19.27 12.85
C VAL J 11 -5.05 19.35 12.25
N LYS J 12 -4.71 20.54 11.74
CA LYS J 12 -3.40 20.77 11.16
C LYS J 12 -2.36 20.38 12.18
N GLN J 13 -2.65 20.70 13.45
CA GLN J 13 -1.75 20.37 14.54
C GLN J 13 -1.56 18.86 14.65
N LYS J 14 -2.67 18.14 14.72
CA LYS J 14 -2.63 16.69 14.84
C LYS J 14 -1.94 16.05 13.62
N LEU J 15 -2.19 16.61 12.43
CA LEU J 15 -1.60 16.09 11.22
C LEU J 15 -0.09 16.14 11.25
N GLN J 16 0.44 17.20 11.84
CA GLN J 16 1.86 17.38 11.90
C GLN J 16 2.61 16.40 12.79
N GLU J 17 2.22 16.32 14.04
CA GLU J 17 2.89 15.40 14.97
C GLU J 17 3.03 14.04 14.31
N PHE J 18 2.04 13.70 13.50
CA PHE J 18 2.01 12.44 12.79
C PHE J 18 3.10 12.39 11.73
N LEU J 19 3.00 13.31 10.77
CA LEU J 19 3.96 13.41 9.69
C LEU J 19 5.41 13.32 10.14
N LEU J 20 5.73 14.06 11.22
CA LEU J 20 7.10 14.07 11.74
C LEU J 20 7.52 12.73 12.33
N SER J 21 6.71 12.20 13.24
CA SER J 21 6.99 10.93 13.88
C SER J 21 7.08 9.80 12.85
N LYS J 22 6.37 9.97 11.74
CA LYS J 22 6.38 9.00 10.65
C LYS J 22 7.81 8.81 10.17
N SER J 23 8.74 9.35 10.94
CA SER J 23 10.17 9.25 10.64
C SER J 23 10.89 8.72 11.88
#